data_6AXJ
#
_entry.id   6AXJ
#
_cell.length_a   140.318
_cell.length_b   140.318
_cell.length_c   129.054
_cell.angle_alpha   90.00
_cell.angle_beta   90.00
_cell.angle_gamma   120.00
#
_symmetry.space_group_name_H-M   'H 3'
#
loop_
_entity.id
_entity.type
_entity.pdbx_description
1 polymer 'Protein AF-9 homolog'
2 polymer ALY-SER-ALA-PRO-ALA
3 non-polymer 'SULFATE ION'
4 non-polymer GLYCEROL
5 water water
#
loop_
_entity_poly.entity_id
_entity_poly.type
_entity_poly.pdbx_seq_one_letter_code
_entity_poly.pdbx_strand_id
1 'polypeptide(L)'
;GPLGSRIKTLSVSRPIIYGNTAKKMGSVKPPNAPAEHTHLWTIFVRGPQNEDISYFIKKVVFKLHDTYPNPVRSIEAPPF
ELTETGWGEFDINIKVYFVEEANEKVLNFYHRLRLHPYANPVPNSDNGNEQNTTDHNSKDAEVSSVYFDEIVFNEPNEEF
FKILMSRPG
;
A,C,B,D
2 'polypeptide(L)' ATKAAR(ALY)SAPA G,E,H,F
#
loop_
_chem_comp.id
_chem_comp.type
_chem_comp.name
_chem_comp.formula
GOL non-polymer GLYCEROL 'C3 H8 O3'
SO4 non-polymer 'SULFATE ION' 'O4 S -2'
#
# COMPACT_ATOMS: atom_id res chain seq x y z
N GLY A 4 -29.37 51.15 -5.96
CA GLY A 4 -29.79 50.59 -7.23
C GLY A 4 -30.50 49.25 -7.11
N SER A 5 -31.19 48.83 -8.18
CA SER A 5 -31.88 47.54 -8.17
C SER A 5 -31.68 46.82 -9.49
N ARG A 6 -31.55 45.50 -9.42
CA ARG A 6 -31.46 44.70 -10.62
C ARG A 6 -32.11 43.34 -10.35
N ILE A 7 -32.48 42.68 -11.43
CA ILE A 7 -32.99 41.31 -11.36
C ILE A 7 -31.82 40.35 -11.59
N LYS A 8 -31.71 39.35 -10.73
CA LYS A 8 -30.73 38.29 -10.92
C LYS A 8 -31.41 36.96 -10.61
N THR A 9 -30.70 35.87 -10.92
CA THR A 9 -31.27 34.57 -10.65
C THR A 9 -31.32 34.32 -9.15
N LEU A 10 -32.37 33.65 -8.71
CA LEU A 10 -32.57 33.38 -7.30
C LEU A 10 -31.68 32.21 -6.88
N SER A 11 -31.06 32.36 -5.72
CA SER A 11 -30.32 31.28 -5.10
C SER A 11 -30.57 31.31 -3.60
N VAL A 12 -30.54 30.14 -2.98
CA VAL A 12 -30.67 29.99 -1.53
C VAL A 12 -29.60 29.02 -1.04
N SER A 13 -28.95 29.37 0.05
CA SER A 13 -27.86 28.58 0.58
C SER A 13 -28.21 28.01 1.95
N ARG A 14 -27.72 26.81 2.24
CA ARG A 14 -27.97 26.11 3.50
C ARG A 14 -26.64 25.63 4.05
N PRO A 15 -26.22 26.11 5.23
CA PRO A 15 -24.94 25.66 5.80
C PRO A 15 -24.98 24.17 6.10
N ILE A 16 -23.83 23.53 5.94
CA ILE A 16 -23.76 22.07 6.07
C ILE A 16 -22.42 21.71 6.69
N ILE A 17 -22.44 20.77 7.63
CA ILE A 17 -21.26 20.27 8.30
C ILE A 17 -21.14 18.78 7.96
N TYR A 18 -19.95 18.36 7.51
CA TYR A 18 -19.74 16.98 7.10
C TYR A 18 -18.30 16.59 7.35
N GLY A 19 -18.09 15.28 7.41
CA GLY A 19 -16.76 14.73 7.63
C GLY A 19 -16.82 13.54 8.57
N ASN A 20 -15.79 13.36 9.38
CA ASN A 20 -15.71 12.17 10.22
C ASN A 20 -15.01 12.50 11.53
N THR A 21 -15.39 11.78 12.58
CA THR A 21 -14.58 11.67 13.79
C THR A 21 -14.01 10.26 13.85
N ALA A 22 -12.98 10.08 14.67
CA ALA A 22 -12.32 8.78 14.77
C ALA A 22 -11.55 8.68 16.07
N LYS A 23 -11.32 7.44 16.48
CA LYS A 23 -10.62 7.13 17.70
C LYS A 23 -9.87 5.82 17.51
N LYS A 24 -8.61 5.78 17.96
CA LYS A 24 -7.90 4.51 17.98
C LYS A 24 -8.44 3.67 19.13
N MET A 25 -8.78 2.42 18.85
CA MET A 25 -9.34 1.55 19.87
C MET A 25 -8.27 1.06 20.83
N GLY A 26 -8.70 0.76 22.05
CA GLY A 26 -7.81 0.32 23.10
C GLY A 26 -7.35 -1.12 22.97
N SER A 27 -6.93 -1.68 24.10
CA SER A 27 -6.48 -3.07 24.11
C SER A 27 -7.67 -4.01 23.95
N VAL A 28 -8.77 -3.72 24.62
CA VAL A 28 -10.01 -4.47 24.48
C VAL A 28 -10.86 -3.80 23.41
N LYS A 29 -11.22 -4.54 22.38
CA LYS A 29 -11.99 -4.04 21.25
C LYS A 29 -13.44 -4.48 21.38
N PRO A 30 -14.38 -3.79 20.73
CA PRO A 30 -15.77 -4.19 20.81
C PRO A 30 -15.96 -5.62 20.35
N PRO A 31 -16.93 -6.33 20.91
CA PRO A 31 -17.13 -7.74 20.53
C PRO A 31 -17.42 -7.87 19.04
N ASN A 32 -16.88 -8.91 18.43
CA ASN A 32 -17.12 -9.23 17.02
C ASN A 32 -16.67 -8.09 16.09
N ALA A 33 -15.76 -7.25 16.53
CA ALA A 33 -15.05 -6.38 15.59
C ALA A 33 -13.91 -7.16 14.97
N PRO A 34 -13.72 -7.11 13.66
CA PRO A 34 -12.62 -7.87 13.05
C PRO A 34 -11.30 -7.57 13.74
N ALA A 35 -10.51 -8.63 13.94
CA ALA A 35 -9.31 -8.53 14.76
C ALA A 35 -8.31 -7.51 14.23
N GLU A 36 -8.25 -7.36 12.90
CA GLU A 36 -7.34 -6.40 12.27
C GLU A 36 -7.85 -4.97 12.32
N HIS A 37 -9.10 -4.74 12.69
CA HIS A 37 -9.59 -3.36 12.80
C HIS A 37 -8.97 -2.71 14.02
N THR A 38 -8.56 -1.46 13.86
CA THR A 38 -7.86 -0.74 14.89
C THR A 38 -8.56 0.54 15.34
N HIS A 39 -9.49 1.06 14.56
CA HIS A 39 -10.11 2.34 14.85
C HIS A 39 -11.62 2.22 14.75
N LEU A 40 -12.29 3.09 15.49
CA LEU A 40 -13.73 3.28 15.44
C LEU A 40 -13.97 4.66 14.84
N TRP A 41 -14.88 4.78 13.88
CA TRP A 41 -15.07 6.07 13.27
C TRP A 41 -16.53 6.28 12.88
N THR A 42 -16.84 7.55 12.60
CA THR A 42 -18.19 7.99 12.26
C THR A 42 -18.10 9.03 11.15
N ILE A 43 -18.76 8.77 10.02
CA ILE A 43 -18.88 9.72 8.92
C ILE A 43 -20.29 10.33 8.99
N PHE A 44 -20.40 11.62 8.66
CA PHE A 44 -21.69 12.26 8.87
C PHE A 44 -21.87 13.46 7.95
N VAL A 45 -23.14 13.80 7.73
CA VAL A 45 -23.62 15.07 7.18
C VAL A 45 -24.66 15.59 8.16
N ARG A 46 -24.47 16.81 8.66
CA ARG A 46 -25.37 17.33 9.70
C ARG A 46 -25.52 18.84 9.55
N GLY A 47 -26.46 19.40 10.31
CA GLY A 47 -26.65 20.83 10.35
C GLY A 47 -25.85 21.48 11.47
N PRO A 48 -25.59 22.79 11.34
CA PRO A 48 -24.95 23.52 12.44
C PRO A 48 -25.79 23.43 13.71
N GLN A 49 -25.11 23.34 14.86
CA GLN A 49 -25.76 23.17 16.14
C GLN A 49 -26.64 21.93 16.17
N ASN A 50 -26.38 21.00 15.23
CA ASN A 50 -27.18 19.80 15.08
C ASN A 50 -28.66 20.10 14.84
N GLU A 51 -28.96 21.23 14.19
CA GLU A 51 -30.30 21.49 13.74
C GLU A 51 -30.72 20.45 12.68
N ASP A 52 -32.03 20.28 12.54
CA ASP A 52 -32.58 19.35 11.56
C ASP A 52 -32.24 19.79 10.14
N ILE A 53 -31.80 18.83 9.31
CA ILE A 53 -31.64 19.07 7.90
C ILE A 53 -32.53 18.17 7.05
N SER A 54 -33.30 17.27 7.66
CA SER A 54 -34.15 16.38 6.88
C SER A 54 -35.34 17.09 6.27
N TYR A 55 -35.59 18.34 6.65
CA TYR A 55 -36.64 19.06 5.95
C TYR A 55 -36.28 19.34 4.49
N PHE A 56 -34.99 19.32 4.12
CA PHE A 56 -34.65 19.41 2.71
C PHE A 56 -33.76 18.29 2.19
N ILE A 57 -33.18 17.46 3.05
CA ILE A 57 -32.38 16.30 2.62
C ILE A 57 -33.19 15.03 2.88
N LYS A 58 -33.47 14.26 1.82
CA LYS A 58 -34.26 13.05 2.00
C LYS A 58 -33.42 11.89 2.57
N LYS A 59 -32.22 11.69 2.02
CA LYS A 59 -31.35 10.60 2.43
C LYS A 59 -29.91 10.95 2.04
N VAL A 60 -28.96 10.32 2.74
CA VAL A 60 -27.55 10.46 2.42
C VAL A 60 -26.97 9.06 2.21
N VAL A 61 -26.25 8.87 1.11
CA VAL A 61 -25.64 7.58 0.78
C VAL A 61 -24.12 7.71 0.87
N PHE A 62 -23.50 6.89 1.71
CA PHE A 62 -22.05 6.84 1.86
C PHE A 62 -21.53 5.59 1.15
N LYS A 63 -20.67 5.76 0.16
CA LYS A 63 -20.02 4.64 -0.51
C LYS A 63 -18.69 4.39 0.19
N LEU A 64 -18.62 3.30 0.95
CA LEU A 64 -17.38 2.92 1.62
C LEU A 64 -16.46 2.18 0.65
N HIS A 65 -15.22 2.00 1.10
CA HIS A 65 -14.26 1.20 0.34
C HIS A 65 -14.76 -0.23 0.18
N ASP A 66 -14.38 -0.83 -0.96
CA ASP A 66 -14.85 -2.18 -1.30
C ASP A 66 -14.47 -3.23 -0.27
N THR A 67 -13.54 -2.94 0.64
CA THR A 67 -13.24 -3.88 1.72
C THR A 67 -14.38 -4.00 2.73
N TYR A 68 -15.38 -3.11 2.69
CA TYR A 68 -16.58 -3.25 3.50
C TYR A 68 -17.64 -4.00 2.71
N PRO A 69 -18.31 -4.93 3.38
CA PRO A 69 -19.48 -5.57 2.75
C PRO A 69 -20.61 -4.57 2.62
N ASN A 70 -21.44 -4.77 1.57
CA ASN A 70 -22.50 -3.84 1.20
C ASN A 70 -21.97 -2.42 1.34
N PRO A 71 -20.99 -2.01 0.52
CA PRO A 71 -20.33 -0.72 0.76
C PRO A 71 -21.21 0.49 0.48
N VAL A 72 -22.28 0.33 -0.29
CA VAL A 72 -23.21 1.45 -0.56
C VAL A 72 -24.17 1.51 0.62
N ARG A 73 -23.98 2.48 1.51
CA ARG A 73 -24.72 2.58 2.77
C ARG A 73 -25.71 3.74 2.73
N SER A 74 -27.00 3.42 2.59
CA SER A 74 -28.06 4.41 2.41
C SER A 74 -28.70 4.73 3.77
N ILE A 75 -28.58 5.98 4.21
CA ILE A 75 -29.15 6.45 5.48
C ILE A 75 -30.37 7.31 5.15
N GLU A 76 -31.56 6.81 5.46
CA GLU A 76 -32.79 7.40 4.95
C GLU A 76 -33.60 8.12 6.02
N ALA A 77 -33.00 8.39 7.18
CA ALA A 77 -33.62 9.15 8.26
C ALA A 77 -32.51 9.71 9.12
N PRO A 78 -32.70 10.88 9.72
CA PRO A 78 -31.63 11.49 10.53
C PRO A 78 -31.39 10.69 11.81
N PRO A 79 -30.18 10.77 12.39
CA PRO A 79 -28.99 11.52 11.91
C PRO A 79 -28.38 10.89 10.66
N PHE A 80 -27.88 11.70 9.73
CA PHE A 80 -27.32 11.18 8.49
C PHE A 80 -25.84 10.87 8.73
N GLU A 81 -25.60 9.69 9.28
CA GLU A 81 -24.27 9.29 9.74
C GLU A 81 -24.23 7.78 9.78
N LEU A 82 -23.01 7.25 9.90
CA LEU A 82 -22.86 5.84 10.23
C LEU A 82 -21.53 5.65 10.96
N THR A 83 -21.50 4.64 11.82
CA THR A 83 -20.32 4.30 12.59
C THR A 83 -19.83 2.92 12.18
N GLU A 84 -18.51 2.83 12.01
CA GLU A 84 -17.83 1.62 11.59
C GLU A 84 -16.52 1.49 12.33
N THR A 85 -15.99 0.28 12.33
CA THR A 85 -14.60 0.04 12.68
C THR A 85 -13.83 -0.27 11.41
N GLY A 86 -12.51 -0.21 11.52
CA GLY A 86 -11.70 -0.47 10.35
C GLY A 86 -10.23 -0.29 10.67
N TRP A 87 -9.41 -0.47 9.64
CA TRP A 87 -7.98 -0.36 9.78
C TRP A 87 -7.33 0.70 8.92
N GLY A 88 -8.02 1.23 7.90
CA GLY A 88 -7.38 2.11 6.95
C GLY A 88 -8.17 3.37 6.66
N GLU A 89 -7.45 4.37 6.17
CA GLU A 89 -8.05 5.56 5.60
C GLU A 89 -8.33 5.35 4.12
N PHE A 90 -9.43 5.95 3.63
CA PHE A 90 -9.84 5.83 2.24
C PHE A 90 -10.83 6.95 1.93
N ASP A 91 -11.03 7.22 0.65
CA ASP A 91 -12.02 8.20 0.20
C ASP A 91 -13.45 7.67 0.29
N ILE A 92 -14.36 8.53 0.73
CA ILE A 92 -15.79 8.22 0.79
C ILE A 92 -16.54 9.17 -0.13
N ASN A 93 -17.26 8.62 -1.08
CA ASN A 93 -18.16 9.43 -1.89
C ASN A 93 -19.47 9.58 -1.12
N ILE A 94 -19.83 10.83 -0.84
CA ILE A 94 -21.05 11.15 -0.10
C ILE A 94 -22.07 11.64 -1.11
N LYS A 95 -23.21 10.95 -1.17
CA LYS A 95 -24.29 11.34 -2.07
C LYS A 95 -25.47 11.86 -1.25
N VAL A 96 -25.75 13.14 -1.39
CA VAL A 96 -26.86 13.79 -0.71
C VAL A 96 -28.02 13.90 -1.70
N TYR A 97 -29.18 13.36 -1.32
CA TYR A 97 -30.40 13.40 -2.11
C TYR A 97 -31.39 14.33 -1.44
N PHE A 98 -31.95 15.25 -2.20
CA PHE A 98 -32.87 16.22 -1.61
C PHE A 98 -34.30 15.71 -1.67
N VAL A 99 -35.17 16.36 -0.89
CA VAL A 99 -36.57 15.95 -0.88
C VAL A 99 -37.13 16.03 -2.29
N GLU A 100 -38.23 15.29 -2.50
CA GLU A 100 -38.83 15.16 -3.82
C GLU A 100 -39.19 16.53 -4.40
N GLU A 101 -39.71 17.43 -3.57
CA GLU A 101 -40.12 18.74 -4.06
C GLU A 101 -38.96 19.54 -4.68
N ALA A 102 -37.72 19.27 -4.25
CA ALA A 102 -36.62 20.10 -4.76
C ALA A 102 -36.47 19.93 -6.26
N ASN A 103 -36.84 18.75 -6.77
CA ASN A 103 -36.59 18.41 -8.17
C ASN A 103 -35.11 18.55 -8.52
N GLU A 104 -34.26 18.12 -7.59
CA GLU A 104 -32.82 18.37 -7.71
C GLU A 104 -32.09 17.05 -7.93
N LYS A 105 -31.05 17.10 -8.75
CA LYS A 105 -30.16 15.96 -8.90
C LYS A 105 -29.36 15.76 -7.63
N VAL A 106 -28.70 14.60 -7.55
CA VAL A 106 -27.91 14.29 -6.37
C VAL A 106 -26.80 15.32 -6.19
N LEU A 107 -26.43 15.57 -4.93
CA LEU A 107 -25.25 16.37 -4.61
C LEU A 107 -24.11 15.41 -4.27
N ASN A 108 -23.07 15.44 -5.08
CA ASN A 108 -21.95 14.50 -5.01
C ASN A 108 -20.76 15.17 -4.33
N PHE A 109 -20.25 14.58 -3.26
CA PHE A 109 -18.94 15.05 -2.84
C PHE A 109 -18.15 13.93 -2.17
N TYR A 110 -16.95 14.27 -1.70
CA TYR A 110 -15.93 13.30 -1.34
C TYR A 110 -15.25 13.73 -0.04
N HIS A 111 -14.95 12.75 0.80
CA HIS A 111 -14.28 13.01 2.05
C HIS A 111 -13.27 11.90 2.32
N ARG A 112 -12.03 12.27 2.58
CA ARG A 112 -11.06 11.27 2.96
C ARG A 112 -11.21 10.97 4.45
N LEU A 113 -11.48 9.71 4.78
CA LEU A 113 -11.58 9.32 6.18
C LEU A 113 -10.26 9.60 6.90
N ARG A 114 -10.30 10.37 7.98
CA ARG A 114 -9.10 10.64 8.75
C ARG A 114 -9.07 9.77 10.02
N LEU A 115 -7.97 9.03 10.18
CA LEU A 115 -7.71 8.27 11.40
C LEU A 115 -6.41 8.68 12.08
N HIS A 116 -5.47 9.32 11.37
CA HIS A 116 -4.17 9.51 11.99
C HIS A 116 -4.19 10.70 12.94
N PRO A 117 -3.42 10.64 14.04
CA PRO A 117 -3.43 11.73 15.02
C PRO A 117 -2.96 13.07 14.48
N TYR A 118 -3.03 14.07 15.34
CA TYR A 118 -2.82 15.46 14.97
C TYR A 118 -1.32 15.76 14.95
N ALA A 119 -0.95 16.78 14.19
CA ALA A 119 0.44 17.23 14.16
C ALA A 119 0.56 18.68 14.65
N ALA A 141 -6.79 9.05 21.71
CA ALA A 141 -7.67 10.22 21.76
C ALA A 141 -8.39 10.40 20.42
N GLU A 142 -9.30 11.37 20.37
CA GLU A 142 -10.19 11.55 19.23
C GLU A 142 -9.57 12.46 18.19
N VAL A 143 -9.70 12.06 16.93
CA VAL A 143 -9.33 12.93 15.82
C VAL A 143 -10.60 13.19 15.03
N SER A 144 -10.57 14.26 14.25
CA SER A 144 -11.70 14.60 13.40
C SER A 144 -11.20 15.32 12.17
N SER A 145 -12.02 15.28 11.13
CA SER A 145 -11.78 15.99 9.88
C SER A 145 -13.17 16.43 9.43
N VAL A 146 -13.46 17.70 9.61
CA VAL A 146 -14.83 18.20 9.51
C VAL A 146 -14.81 19.50 8.73
N TYR A 147 -15.73 19.63 7.78
CA TYR A 147 -15.84 20.84 6.98
C TYR A 147 -17.19 21.49 7.24
N PHE A 148 -17.20 22.82 7.28
CA PHE A 148 -18.38 23.62 7.60
C PHE A 148 -18.55 24.55 6.40
N ASP A 149 -19.26 24.06 5.38
CA ASP A 149 -19.49 24.79 4.15
C ASP A 149 -20.98 25.08 4.01
N GLU A 150 -21.45 25.27 2.79
CA GLU A 150 -22.86 25.56 2.56
C GLU A 150 -23.26 24.98 1.22
N ILE A 151 -24.51 24.57 1.12
CA ILE A 151 -25.08 24.09 -0.12
C ILE A 151 -25.81 25.26 -0.75
N VAL A 152 -25.47 25.62 -1.99
CA VAL A 152 -26.17 26.68 -2.70
C VAL A 152 -27.19 26.01 -3.62
N PHE A 153 -28.45 26.41 -3.48
CA PHE A 153 -29.49 25.97 -4.40
C PHE A 153 -29.72 27.04 -5.46
N ASN A 154 -29.47 26.66 -6.71
CA ASN A 154 -29.65 27.52 -7.87
C ASN A 154 -31.09 27.42 -8.36
N GLU A 155 -31.75 28.56 -8.61
CA GLU A 155 -33.11 28.64 -9.15
C GLU A 155 -34.11 27.65 -8.53
N PRO A 156 -34.27 27.61 -7.21
CA PRO A 156 -35.22 26.66 -6.63
C PRO A 156 -36.64 26.99 -7.04
N ASN A 157 -37.47 25.95 -7.18
CA ASN A 157 -38.85 26.18 -7.55
C ASN A 157 -39.61 26.70 -6.33
N GLU A 158 -40.80 27.25 -6.58
CA GLU A 158 -41.52 27.95 -5.51
C GLU A 158 -41.83 27.02 -4.34
N GLU A 159 -42.21 25.76 -4.61
CA GLU A 159 -42.55 24.87 -3.50
C GLU A 159 -41.31 24.53 -2.68
N PHE A 160 -40.16 24.35 -3.34
CA PHE A 160 -38.95 24.01 -2.60
C PHE A 160 -38.47 25.21 -1.81
N PHE A 161 -38.60 26.41 -2.39
CA PHE A 161 -38.26 27.62 -1.67
C PHE A 161 -39.10 27.77 -0.40
N LYS A 162 -40.38 27.41 -0.49
CA LYS A 162 -41.23 27.42 0.71
C LYS A 162 -40.68 26.48 1.77
N ILE A 163 -40.30 25.27 1.36
CA ILE A 163 -39.73 24.32 2.30
C ILE A 163 -38.42 24.84 2.88
N LEU A 164 -37.58 25.45 2.04
CA LEU A 164 -36.27 25.91 2.53
C LEU A 164 -36.43 27.04 3.53
N MET A 165 -37.44 27.89 3.35
CA MET A 165 -37.65 29.04 4.22
C MET A 165 -38.39 28.67 5.50
N SER A 166 -38.95 27.47 5.60
CA SER A 166 -39.66 27.08 6.82
C SER A 166 -38.73 26.87 8.02
N ARG A 167 -37.41 26.86 7.81
CA ARG A 167 -36.46 26.68 8.91
C ARG A 167 -35.23 27.57 8.71
N GLY B 4 39.05 -23.18 34.91
CA GLY B 4 39.46 -21.81 34.64
C GLY B 4 38.30 -20.84 34.61
N SER B 5 38.61 -19.53 34.66
CA SER B 5 37.60 -18.49 34.59
C SER B 5 38.04 -17.39 33.63
N ARG B 6 37.07 -16.81 32.92
CA ARG B 6 37.32 -15.68 32.04
C ARG B 6 36.05 -14.83 31.99
N ILE B 7 36.24 -13.57 31.57
CA ILE B 7 35.14 -12.64 31.34
C ILE B 7 34.79 -12.67 29.86
N LYS B 8 33.50 -12.80 29.56
CA LYS B 8 33.04 -12.66 28.19
C LYS B 8 31.75 -11.85 28.20
N THR B 9 31.29 -11.48 27.02
CA THR B 9 30.09 -10.67 26.95
C THR B 9 28.88 -11.52 27.31
N LEU B 10 27.92 -10.89 27.97
CA LEU B 10 26.74 -11.58 28.44
C LEU B 10 25.77 -11.84 27.30
N SER B 11 25.15 -13.01 27.30
CA SER B 11 24.06 -13.29 26.39
C SER B 11 22.99 -14.13 27.09
N VAL B 12 21.74 -13.93 26.68
CA VAL B 12 20.62 -14.74 27.14
C VAL B 12 19.83 -15.20 25.91
N SER B 13 19.44 -16.45 25.89
CA SER B 13 18.70 -17.02 24.77
C SER B 13 17.31 -17.45 25.23
N ARG B 14 16.35 -17.35 24.31
CA ARG B 14 14.96 -17.70 24.61
C ARG B 14 14.44 -18.59 23.48
N PRO B 15 14.03 -19.83 23.76
CA PRO B 15 13.52 -20.70 22.71
C PRO B 15 12.27 -20.10 22.08
N ILE B 16 12.11 -20.35 20.78
CA ILE B 16 11.04 -19.73 20.01
C ILE B 16 10.57 -20.73 18.97
N ILE B 17 9.25 -20.84 18.81
CA ILE B 17 8.63 -21.69 17.81
C ILE B 17 7.83 -20.80 16.87
N TYR B 18 8.03 -20.99 15.56
CA TYR B 18 7.36 -20.17 14.57
C TYR B 18 7.12 -21.00 13.32
N GLY B 19 6.14 -20.55 12.53
CA GLY B 19 5.80 -21.26 11.30
C GLY B 19 4.30 -21.26 11.03
N ASN B 20 3.81 -22.31 10.37
CA ASN B 20 2.41 -22.31 9.97
C ASN B 20 1.85 -23.73 9.98
N THR B 21 0.54 -23.80 10.26
CA THR B 21 -0.27 -24.97 9.99
C THR B 21 -1.21 -24.66 8.83
N ALA B 22 -1.76 -25.70 8.23
CA ALA B 22 -2.62 -25.52 7.06
C ALA B 22 -3.46 -26.76 6.85
N LYS B 23 -4.62 -26.55 6.22
CA LYS B 23 -5.54 -27.62 5.91
C LYS B 23 -6.25 -27.28 4.62
N LYS B 24 -6.35 -28.24 3.70
CA LYS B 24 -7.19 -28.04 2.52
C LYS B 24 -8.66 -28.05 2.94
N MET B 25 -9.41 -27.07 2.47
CA MET B 25 -10.80 -26.98 2.86
C MET B 25 -11.64 -27.98 2.08
N GLY B 26 -12.76 -28.36 2.68
CA GLY B 26 -13.62 -29.33 2.02
C GLY B 26 -14.34 -28.73 0.84
N SER B 27 -15.43 -29.40 0.42
CA SER B 27 -16.24 -28.89 -0.66
C SER B 27 -17.05 -27.68 -0.22
N VAL B 28 -17.52 -27.68 1.02
CA VAL B 28 -18.20 -26.54 1.61
C VAL B 28 -17.13 -25.65 2.22
N LYS B 29 -17.13 -24.41 1.82
CA LYS B 29 -16.15 -23.47 2.31
C LYS B 29 -16.76 -22.56 3.36
N PRO B 30 -15.95 -21.94 4.22
CA PRO B 30 -16.49 -21.02 5.20
C PRO B 30 -17.29 -19.93 4.51
N PRO B 31 -18.34 -19.42 5.17
CA PRO B 31 -19.28 -18.54 4.47
C PRO B 31 -18.70 -17.25 3.87
N ASN B 32 -17.57 -16.75 4.34
CA ASN B 32 -17.04 -15.53 3.74
C ASN B 32 -15.65 -15.72 3.15
N ALA B 33 -15.29 -16.96 2.82
CA ALA B 33 -14.03 -17.19 2.10
C ALA B 33 -14.22 -17.02 0.60
N PRO B 34 -13.35 -16.25 -0.05
CA PRO B 34 -13.43 -16.11 -1.51
C PRO B 34 -13.44 -17.48 -2.19
N ALA B 35 -14.26 -17.61 -3.22
CA ALA B 35 -14.50 -18.91 -3.84
C ALA B 35 -13.21 -19.55 -4.36
N GLU B 36 -12.23 -18.74 -4.78
CA GLU B 36 -11.00 -19.29 -5.31
C GLU B 36 -10.06 -19.77 -4.23
N HIS B 37 -10.30 -19.42 -2.96
CA HIS B 37 -9.44 -19.89 -1.88
C HIS B 37 -9.68 -21.37 -1.65
N THR B 38 -8.59 -22.08 -1.39
CA THR B 38 -8.66 -23.52 -1.21
C THR B 38 -8.16 -23.99 0.15
N HIS B 39 -7.45 -23.16 0.90
CA HIS B 39 -6.80 -23.61 2.12
C HIS B 39 -7.12 -22.65 3.25
N LEU B 40 -7.04 -23.18 4.46
CA LEU B 40 -7.12 -22.43 5.71
C LEU B 40 -5.77 -22.60 6.41
N TRP B 41 -5.20 -21.49 6.90
CA TRP B 41 -3.88 -21.61 7.48
C TRP B 41 -3.69 -20.63 8.63
N THR B 42 -2.63 -20.87 9.41
CA THR B 42 -2.32 -20.08 10.58
C THR B 42 -0.82 -19.90 10.68
N ILE B 43 -0.38 -18.64 10.72
CA ILE B 43 1.02 -18.28 10.92
C ILE B 43 1.18 -17.87 12.37
N PHE B 44 2.32 -18.21 12.99
CA PHE B 44 2.39 -17.95 14.42
C PHE B 44 3.85 -17.80 14.87
N VAL B 45 4.01 -17.11 15.99
CA VAL B 45 5.23 -17.12 16.80
C VAL B 45 4.77 -17.41 18.23
N ARG B 46 5.33 -18.46 18.84
CA ARG B 46 4.91 -18.88 20.17
C ARG B 46 6.10 -19.43 20.94
N GLY B 47 5.87 -19.66 22.22
CA GLY B 47 6.85 -20.31 23.05
C GLY B 47 6.60 -21.80 23.12
N PRO B 48 7.62 -22.57 23.49
CA PRO B 48 7.40 -23.99 23.77
C PRO B 48 6.38 -24.19 24.88
N GLN B 49 5.58 -25.25 24.74
CA GLN B 49 4.52 -25.58 25.70
C GLN B 49 3.53 -24.44 25.89
N ASN B 50 3.46 -23.53 24.91
CA ASN B 50 2.61 -22.34 24.97
C ASN B 50 2.91 -21.47 26.18
N GLU B 51 4.15 -21.47 26.64
CA GLU B 51 4.51 -20.50 27.66
C GLU B 51 4.36 -19.08 27.11
N ASP B 52 4.15 -18.14 28.02
CA ASP B 52 4.03 -16.75 27.64
C ASP B 52 5.35 -16.25 27.05
N ILE B 53 5.27 -15.53 25.95
CA ILE B 53 6.42 -14.82 25.40
C ILE B 53 6.21 -13.31 25.38
N SER B 54 5.04 -12.83 25.82
CA SER B 54 4.78 -11.39 25.78
C SER B 54 5.54 -10.63 26.86
N TYR B 55 6.15 -11.32 27.82
CA TYR B 55 6.97 -10.59 28.79
C TYR B 55 8.22 -10.01 28.13
N PHE B 56 8.65 -10.52 26.98
CA PHE B 56 9.74 -9.86 26.27
C PHE B 56 9.44 -9.49 24.82
N ILE B 57 8.37 -10.01 24.22
CA ILE B 57 7.96 -9.63 22.87
C ILE B 57 6.74 -8.73 22.97
N LYS B 58 6.86 -7.51 22.44
CA LYS B 58 5.80 -6.52 22.49
C LYS B 58 4.71 -6.79 21.44
N LYS B 59 5.13 -7.10 20.21
CA LYS B 59 4.22 -7.35 19.10
C LYS B 59 4.97 -8.11 18.03
N VAL B 60 4.19 -8.82 17.22
CA VAL B 60 4.68 -9.54 16.04
C VAL B 60 3.88 -9.04 14.85
N VAL B 61 4.59 -8.61 13.80
CA VAL B 61 3.97 -8.11 12.58
C VAL B 61 4.24 -9.11 11.46
N PHE B 62 3.18 -9.59 10.83
CA PHE B 62 3.26 -10.51 9.70
C PHE B 62 2.95 -9.75 8.41
N LYS B 63 3.92 -9.71 7.48
CA LYS B 63 3.70 -9.08 6.17
C LYS B 63 3.24 -10.17 5.21
N LEU B 64 1.97 -10.13 4.84
CA LEU B 64 1.42 -11.08 3.88
C LEU B 64 1.72 -10.65 2.46
N HIS B 65 1.46 -11.56 1.53
CA HIS B 65 1.55 -11.24 0.11
C HIS B 65 0.55 -10.13 -0.25
N ASP B 66 0.95 -9.31 -1.23
CA ASP B 66 0.16 -8.16 -1.64
C ASP B 66 -1.24 -8.52 -2.14
N THR B 67 -1.47 -9.79 -2.49
CA THR B 67 -2.84 -10.18 -2.82
C THR B 67 -3.76 -10.14 -1.61
N TYR B 68 -3.23 -9.98 -0.40
CA TYR B 68 -4.12 -9.77 0.74
C TYR B 68 -4.30 -8.28 0.98
N PRO B 69 -5.53 -7.84 1.21
CA PRO B 69 -5.73 -6.46 1.64
C PRO B 69 -5.15 -6.28 3.03
N ASN B 70 -4.71 -5.06 3.32
CA ASN B 70 -4.02 -4.72 4.56
C ASN B 70 -2.96 -5.78 4.86
N PRO B 71 -1.93 -5.91 4.01
CA PRO B 71 -0.99 -7.04 4.17
C PRO B 71 -0.11 -6.96 5.40
N VAL B 72 0.09 -5.78 5.98
CA VAL B 72 0.89 -5.63 7.18
C VAL B 72 -0.02 -5.86 8.38
N ARG B 73 0.08 -7.04 9.00
CA ARG B 73 -0.82 -7.47 10.06
C ARG B 73 -0.09 -7.42 11.40
N SER B 74 -0.43 -6.42 12.21
CA SER B 74 0.27 -6.17 13.45
C SER B 74 -0.52 -6.81 14.60
N ILE B 75 0.08 -7.79 15.26
CA ILE B 75 -0.55 -8.50 16.38
C ILE B 75 0.15 -8.05 17.65
N GLU B 76 -0.58 -7.30 18.49
CA GLU B 76 0.00 -6.60 19.63
C GLU B 76 -0.37 -7.20 20.97
N ALA B 77 -0.89 -8.43 20.98
CA ALA B 77 -1.16 -9.16 22.22
C ALA B 77 -1.24 -10.64 21.89
N PRO B 78 -0.83 -11.51 22.80
CA PRO B 78 -0.83 -12.95 22.50
C PRO B 78 -2.25 -13.47 22.38
N PRO B 79 -2.47 -14.56 21.65
CA PRO B 79 -1.45 -15.33 20.92
C PRO B 79 -0.94 -14.56 19.69
N PHE B 80 0.36 -14.66 19.38
CA PHE B 80 0.93 -13.93 18.24
C PHE B 80 0.77 -14.80 17.01
N GLU B 81 -0.41 -14.74 16.43
CA GLU B 81 -0.77 -15.60 15.31
C GLU B 81 -1.88 -14.91 14.54
N LEU B 82 -2.09 -15.38 13.32
CA LEU B 82 -3.30 -15.01 12.62
C LEU B 82 -3.66 -16.12 11.66
N THR B 83 -4.97 -16.26 11.44
CA THR B 83 -5.55 -17.28 10.59
C THR B 83 -6.15 -16.62 9.37
N GLU B 84 -5.96 -17.24 8.22
CA GLU B 84 -6.41 -16.70 6.95
C GLU B 84 -6.85 -17.84 6.04
N THR B 85 -7.60 -17.52 4.99
CA THR B 85 -7.78 -18.45 3.88
C THR B 85 -6.94 -18.00 2.68
N GLY B 86 -6.78 -18.88 1.70
CA GLY B 86 -6.00 -18.51 0.54
C GLY B 86 -5.91 -19.64 -0.47
N TRP B 87 -5.21 -19.34 -1.56
CA TRP B 87 -5.00 -20.32 -2.62
C TRP B 87 -3.53 -20.66 -2.87
N GLY B 88 -2.58 -19.85 -2.40
CA GLY B 88 -1.19 -20.05 -2.76
C GLY B 88 -0.22 -19.97 -1.60
N GLU B 89 0.96 -20.56 -1.82
CA GLU B 89 2.11 -20.43 -0.94
C GLU B 89 2.94 -19.21 -1.32
N PHE B 90 3.53 -18.55 -0.31
CA PHE B 90 4.32 -17.34 -0.49
C PHE B 90 5.16 -17.12 0.76
N ASP B 91 6.19 -16.27 0.61
CA ASP B 91 7.07 -15.90 1.73
C ASP B 91 6.40 -14.88 2.65
N ILE B 92 6.55 -15.08 3.96
CA ILE B 92 6.09 -14.14 4.97
C ILE B 92 7.28 -13.62 5.76
N ASN B 93 7.45 -12.30 5.76
CA ASN B 93 8.42 -11.65 6.61
C ASN B 93 7.80 -11.47 7.99
N ILE B 94 8.43 -12.05 8.99
CA ILE B 94 7.96 -11.99 10.37
C ILE B 94 8.83 -10.98 11.11
N LYS B 95 8.22 -9.94 11.64
CA LYS B 95 8.90 -8.90 12.38
C LYS B 95 8.54 -9.03 13.86
N VAL B 96 9.52 -9.36 14.69
CA VAL B 96 9.34 -9.46 16.13
C VAL B 96 9.89 -8.19 16.78
N TYR B 97 9.05 -7.52 17.56
CA TYR B 97 9.41 -6.32 18.29
C TYR B 97 9.43 -6.63 19.78
N PHE B 98 10.54 -6.28 20.43
CA PHE B 98 10.68 -6.60 21.84
C PHE B 98 10.15 -5.46 22.70
N VAL B 99 9.94 -5.77 23.98
CA VAL B 99 9.46 -4.74 24.88
C VAL B 99 10.41 -3.55 24.88
N GLU B 100 9.89 -2.41 25.31
CA GLU B 100 10.62 -1.16 25.20
C GLU B 100 11.90 -1.18 26.02
N GLU B 101 11.86 -1.85 27.18
CA GLU B 101 13.04 -1.94 28.04
C GLU B 101 14.22 -2.60 27.32
N ALA B 102 13.94 -3.46 26.35
CA ALA B 102 15.04 -4.18 25.69
C ALA B 102 15.96 -3.23 24.96
N ASN B 103 15.42 -2.10 24.47
CA ASN B 103 16.18 -1.19 23.63
C ASN B 103 16.75 -1.94 22.42
N GLU B 104 15.94 -2.84 21.87
CA GLU B 104 16.38 -3.74 20.80
C GLU B 104 15.67 -3.39 19.51
N LYS B 105 16.40 -3.49 18.41
CA LYS B 105 15.84 -3.36 17.08
C LYS B 105 14.95 -4.56 16.76
N VAL B 106 14.19 -4.43 15.69
CA VAL B 106 13.30 -5.51 15.29
C VAL B 106 14.12 -6.76 14.93
N LEU B 107 13.56 -7.92 15.17
CA LEU B 107 14.12 -9.18 14.70
C LEU B 107 13.34 -9.62 13.47
N ASN B 108 14.03 -9.70 12.35
CA ASN B 108 13.47 -9.98 11.04
C ASN B 108 13.70 -11.44 10.71
N PHE B 109 12.64 -12.17 10.38
CA PHE B 109 12.90 -13.43 9.72
C PHE B 109 11.77 -13.73 8.74
N TYR B 110 11.90 -14.88 8.10
CA TYR B 110 11.14 -15.18 6.90
C TYR B 110 10.67 -16.62 6.99
N HIS B 111 9.44 -16.85 6.56
CA HIS B 111 8.88 -18.19 6.57
C HIS B 111 8.05 -18.41 5.31
N ARG B 112 8.35 -19.46 4.57
CA ARG B 112 7.49 -19.77 3.43
C ARG B 112 6.27 -20.53 3.93
N LEU B 113 5.09 -19.99 3.65
CA LEU B 113 3.85 -20.66 4.00
C LEU B 113 3.76 -22.00 3.28
N ARG B 114 3.56 -23.08 4.05
CA ARG B 114 3.41 -24.41 3.47
C ARG B 114 1.95 -24.81 3.42
N LEU B 115 1.48 -25.17 2.23
CA LEU B 115 0.15 -25.72 2.03
C LEU B 115 0.14 -27.13 1.45
N HIS B 116 1.20 -27.56 0.76
CA HIS B 116 1.14 -28.81 0.03
C HIS B 116 1.39 -30.00 0.96
N PRO B 117 0.74 -31.15 0.68
CA PRO B 117 0.83 -32.32 1.57
C PRO B 117 2.23 -32.92 1.70
N TYR B 118 2.34 -33.93 2.56
CA TYR B 118 3.62 -34.46 2.98
C TYR B 118 4.16 -35.45 1.94
N ALA B 119 5.47 -35.68 2.01
CA ALA B 119 6.12 -36.72 1.19
C ALA B 119 5.49 -38.09 1.43
N GLU B 142 -4.08 -32.14 7.43
CA GLU B 142 -3.35 -30.99 7.95
C GLU B 142 -1.84 -31.12 7.73
N VAL B 143 -1.23 -30.05 7.25
CA VAL B 143 0.22 -29.98 7.10
C VAL B 143 0.73 -28.86 7.99
N SER B 144 2.03 -28.92 8.28
CA SER B 144 2.65 -27.85 9.03
C SER B 144 4.12 -27.71 8.61
N SER B 145 4.65 -26.53 8.86
CA SER B 145 6.05 -26.21 8.61
C SER B 145 6.45 -25.33 9.79
N VAL B 146 7.18 -25.92 10.72
CA VAL B 146 7.35 -25.31 12.04
C VAL B 146 8.82 -25.40 12.42
N TYR B 147 9.36 -24.29 12.91
CA TYR B 147 10.75 -24.25 13.34
C TYR B 147 10.82 -23.92 14.83
N PHE B 148 11.76 -24.58 15.50
CA PHE B 148 11.94 -24.52 16.95
C PHE B 148 13.41 -24.11 17.16
N ASP B 149 13.65 -22.81 17.19
CA ASP B 149 14.96 -22.21 17.37
C ASP B 149 15.02 -21.46 18.70
N GLU B 150 15.92 -20.49 18.79
CA GLU B 150 16.06 -19.67 19.97
C GLU B 150 16.48 -18.28 19.52
N ILE B 151 16.05 -17.27 20.28
CA ILE B 151 16.49 -15.89 20.10
C ILE B 151 17.61 -15.63 21.10
N VAL B 152 18.78 -15.23 20.61
CA VAL B 152 19.90 -14.88 21.47
C VAL B 152 19.93 -13.36 21.64
N PHE B 153 19.86 -12.89 22.87
CA PHE B 153 20.06 -11.48 23.19
C PHE B 153 21.49 -11.33 23.69
N ASN B 154 22.32 -10.65 22.92
CA ASN B 154 23.68 -10.37 23.36
C ASN B 154 23.72 -9.00 24.02
N GLU B 155 24.50 -8.90 25.09
CA GLU B 155 24.66 -7.69 25.90
C GLU B 155 23.32 -7.05 26.33
N PRO B 156 22.41 -7.80 26.90
CA PRO B 156 21.19 -7.18 27.40
C PRO B 156 21.48 -6.21 28.53
N ASN B 157 20.69 -5.13 28.58
CA ASN B 157 20.87 -4.20 29.69
C ASN B 157 20.24 -4.78 30.96
N GLU B 158 20.62 -4.22 32.11
CA GLU B 158 20.23 -4.83 33.38
C GLU B 158 18.72 -4.87 33.54
N GLU B 159 18.02 -3.82 33.13
CA GLU B 159 16.55 -3.82 33.20
C GLU B 159 15.96 -4.93 32.33
N PHE B 160 16.46 -5.09 31.11
CA PHE B 160 15.93 -6.14 30.24
C PHE B 160 16.27 -7.52 30.78
N PHE B 161 17.48 -7.69 31.32
CA PHE B 161 17.86 -8.96 31.91
C PHE B 161 16.93 -9.34 33.08
N LYS B 162 16.57 -8.35 33.90
CA LYS B 162 15.62 -8.60 34.98
C LYS B 162 14.30 -9.11 34.40
N ILE B 163 13.82 -8.47 33.32
CA ILE B 163 12.60 -8.92 32.67
C ILE B 163 12.77 -10.33 32.12
N LEU B 164 13.94 -10.62 31.52
CA LEU B 164 14.14 -11.94 30.92
C LEU B 164 14.13 -13.04 31.98
N MET B 165 14.62 -12.75 33.18
CA MET B 165 14.72 -13.74 34.25
C MET B 165 13.41 -13.92 35.01
N SER B 166 12.42 -13.05 34.80
CA SER B 166 11.15 -13.17 35.52
C SER B 166 10.35 -14.39 35.07
N ARG B 167 10.55 -14.86 33.84
CA ARG B 167 9.81 -16.01 33.33
C ARG B 167 10.75 -16.95 32.58
N GLY C 4 -16.85 53.30 -12.13
CA GLY C 4 -16.19 53.28 -10.83
C GLY C 4 -14.95 52.41 -10.74
N SER C 5 -14.17 52.59 -9.67
CA SER C 5 -12.97 51.80 -9.43
C SER C 5 -12.91 51.38 -7.97
N ARG C 6 -12.42 50.16 -7.73
CA ARG C 6 -12.22 49.66 -6.37
C ARG C 6 -11.06 48.69 -6.37
N ILE C 7 -10.54 48.44 -5.16
CA ILE C 7 -9.48 47.47 -4.95
C ILE C 7 -10.09 46.15 -4.51
N LYS C 8 -9.70 45.05 -5.14
CA LYS C 8 -10.09 43.74 -4.66
C LYS C 8 -8.89 42.80 -4.76
N THR C 9 -9.03 41.62 -4.18
CA THR C 9 -7.94 40.67 -4.20
C THR C 9 -7.74 40.15 -5.61
N LEU C 10 -6.49 39.91 -5.96
CA LEU C 10 -6.13 39.47 -7.30
C LEU C 10 -6.43 37.98 -7.46
N SER C 11 -6.95 37.60 -8.61
CA SER C 11 -7.09 36.19 -8.94
C SER C 11 -6.81 35.99 -10.42
N VAL C 12 -6.27 34.82 -10.76
CA VAL C 12 -6.02 34.42 -12.14
C VAL C 12 -6.56 33.01 -12.33
N SER C 13 -7.25 32.78 -13.44
CA SER C 13 -7.87 31.49 -13.73
C SER C 13 -7.25 30.87 -14.97
N ARG C 14 -7.20 29.53 -14.97
CA ARG C 14 -6.62 28.75 -16.07
C ARG C 14 -7.60 27.66 -16.47
N PRO C 15 -8.09 27.65 -17.70
CA PRO C 15 -9.02 26.59 -18.12
C PRO C 15 -8.33 25.24 -18.08
N ILE C 16 -9.10 24.21 -17.74
CA ILE C 16 -8.55 22.88 -17.54
C ILE C 16 -9.57 21.85 -17.97
N ILE C 17 -9.10 20.82 -18.68
CA ILE C 17 -9.92 19.72 -19.16
C ILE C 17 -9.43 18.43 -18.53
N TYR C 18 -10.34 17.66 -17.93
CA TYR C 18 -9.96 16.42 -17.25
C TYR C 18 -11.08 15.40 -17.37
N GLY C 19 -10.71 14.14 -17.19
CA GLY C 19 -11.66 13.05 -17.26
C GLY C 19 -11.07 11.83 -17.94
N ASN C 20 -11.90 11.05 -18.64
CA ASN C 20 -11.42 9.81 -19.22
C ASN C 20 -12.13 9.50 -20.52
N THR C 21 -11.41 8.82 -21.41
CA THR C 21 -11.99 8.13 -22.56
C THR C 21 -11.92 6.63 -22.31
N ALA C 22 -12.68 5.86 -23.08
CA ALA C 22 -12.74 4.41 -22.86
C ALA C 22 -13.31 3.73 -24.08
N LYS C 23 -12.95 2.44 -24.22
CA LYS C 23 -13.47 1.60 -25.29
C LYS C 23 -13.55 0.17 -24.81
N LYS C 24 -14.64 -0.52 -25.12
CA LYS C 24 -14.68 -1.95 -24.88
C LYS C 24 -13.73 -2.64 -25.85
N MET C 25 -12.89 -3.51 -25.33
CA MET C 25 -11.91 -4.20 -26.16
C MET C 25 -12.59 -5.28 -26.98
N GLY C 26 -11.97 -5.60 -28.10
CA GLY C 26 -12.56 -6.58 -28.99
C GLY C 26 -12.50 -7.99 -28.47
N SER C 27 -12.66 -8.96 -29.37
CA SER C 27 -12.54 -10.36 -28.98
C SER C 27 -11.09 -10.74 -28.70
N VAL C 28 -10.17 -10.20 -29.50
CA VAL C 28 -8.75 -10.36 -29.24
C VAL C 28 -8.32 -9.20 -28.34
N LYS C 29 -7.72 -9.54 -27.23
CA LYS C 29 -7.31 -8.52 -26.29
C LYS C 29 -5.82 -8.25 -26.44
N PRO C 30 -5.35 -7.08 -26.02
CA PRO C 30 -3.93 -6.79 -26.11
C PRO C 30 -3.14 -7.82 -25.35
N PRO C 31 -1.95 -8.16 -25.81
CA PRO C 31 -1.17 -9.18 -25.12
C PRO C 31 -0.88 -8.73 -23.69
N ASN C 32 -0.78 -9.70 -22.80
CA ASN C 32 -0.44 -9.47 -21.40
C ASN C 32 -1.46 -8.58 -20.69
N ALA C 33 -2.68 -8.42 -21.25
CA ALA C 33 -3.79 -7.83 -20.49
C ALA C 33 -4.49 -8.91 -19.71
N PRO C 34 -4.75 -8.72 -18.41
CA PRO C 34 -5.44 -9.75 -17.64
C PRO C 34 -6.73 -10.16 -18.33
N ALA C 35 -6.98 -11.47 -18.35
CA ALA C 35 -8.05 -12.02 -19.17
C ALA C 35 -9.42 -11.46 -18.79
N GLU C 36 -9.60 -11.11 -17.51
CA GLU C 36 -10.88 -10.58 -17.04
C GLU C 36 -11.05 -9.11 -17.38
N HIS C 37 -10.00 -8.43 -17.86
CA HIS C 37 -10.16 -7.04 -18.26
C HIS C 37 -10.95 -6.94 -19.54
N THR C 38 -11.83 -5.96 -19.61
CA THR C 38 -12.70 -5.79 -20.75
C THR C 38 -12.56 -4.46 -21.46
N HIS C 39 -11.95 -3.48 -20.83
CA HIS C 39 -11.93 -2.13 -21.38
C HIS C 39 -10.53 -1.57 -21.37
N LEU C 40 -10.31 -0.63 -22.27
CA LEU C 40 -9.11 0.18 -22.35
C LEU C 40 -9.52 1.62 -22.06
N TRP C 41 -8.77 2.31 -21.21
CA TRP C 41 -9.19 3.66 -20.88
C TRP C 41 -7.98 4.54 -20.62
N THR C 42 -8.24 5.85 -20.62
CA THR C 42 -7.21 6.85 -20.46
C THR C 42 -7.75 7.97 -19.58
N ILE C 43 -7.09 8.22 -18.46
CA ILE C 43 -7.44 9.32 -17.55
C ILE C 43 -6.46 10.46 -17.82
N PHE C 44 -6.93 11.70 -17.76
CA PHE C 44 -6.04 12.77 -18.18
C PHE C 44 -6.44 14.10 -17.53
N VAL C 45 -5.45 14.98 -17.46
CA VAL C 45 -5.62 16.41 -17.19
C VAL C 45 -4.85 17.14 -18.29
N ARG C 46 -5.53 18.04 -19.02
CA ARG C 46 -4.89 18.71 -20.15
C ARG C 46 -5.44 20.14 -20.28
N GLY C 47 -4.82 20.89 -21.18
CA GLY C 47 -5.34 22.19 -21.52
C GLY C 47 -6.24 22.12 -22.75
N PRO C 48 -7.10 23.13 -22.92
CA PRO C 48 -7.84 23.24 -24.19
C PRO C 48 -6.89 23.34 -25.37
N GLN C 49 -7.29 22.73 -26.49
CA GLN C 49 -6.49 22.72 -27.71
C GLN C 49 -5.10 22.13 -27.48
N ASN C 50 -4.94 21.35 -26.42
CA ASN C 50 -3.67 20.74 -26.04
C ASN C 50 -2.57 21.76 -25.85
N GLU C 51 -2.92 22.95 -25.39
CA GLU C 51 -1.90 23.89 -24.97
C GLU C 51 -1.11 23.32 -23.80
N ASP C 52 0.13 23.78 -23.67
CA ASP C 52 0.95 23.37 -22.55
C ASP C 52 0.35 23.85 -21.24
N ILE C 53 0.29 22.96 -20.25
CA ILE C 53 -0.06 23.33 -18.89
C ILE C 53 1.08 23.06 -17.91
N SER C 54 2.21 22.52 -18.40
CA SER C 54 3.32 22.21 -17.51
C SER C 54 4.05 23.47 -17.05
N TYR C 55 3.79 24.63 -17.67
CA TYR C 55 4.40 25.84 -17.16
C TYR C 55 3.86 26.23 -15.78
N PHE C 56 2.70 25.74 -15.38
CA PHE C 56 2.25 25.96 -14.00
C PHE C 56 1.92 24.69 -13.23
N ILE C 57 1.76 23.54 -13.88
CA ILE C 57 1.52 22.27 -13.20
C ILE C 57 2.79 21.44 -13.25
N LYS C 58 3.29 21.10 -12.07
CA LYS C 58 4.52 20.34 -11.95
C LYS C 58 4.30 18.84 -12.21
N LYS C 59 3.23 18.28 -11.65
CA LYS C 59 2.92 16.87 -11.82
C LYS C 59 1.46 16.64 -11.48
N VAL C 60 0.93 15.55 -12.01
CA VAL C 60 -0.41 15.09 -11.71
C VAL C 60 -0.31 13.66 -11.20
N VAL C 61 -0.92 13.40 -10.05
CA VAL C 61 -0.92 12.07 -9.43
C VAL C 61 -2.33 11.53 -9.49
N PHE C 62 -2.49 10.35 -10.10
CA PHE C 62 -3.75 9.64 -10.20
C PHE C 62 -3.74 8.47 -9.22
N LYS C 63 -4.67 8.46 -8.26
CA LYS C 63 -4.78 7.34 -7.34
C LYS C 63 -5.82 6.38 -7.90
N LEU C 64 -5.37 5.24 -8.39
CA LEU C 64 -6.27 4.22 -8.91
C LEU C 64 -6.85 3.38 -7.77
N HIS C 65 -7.88 2.61 -8.10
CA HIS C 65 -8.46 1.66 -7.16
C HIS C 65 -7.40 0.64 -6.74
N ASP C 66 -7.52 0.16 -5.50
CA ASP C 66 -6.57 -0.76 -4.90
C ASP C 66 -6.43 -2.07 -5.66
N THR C 67 -7.37 -2.40 -6.54
CA THR C 67 -7.18 -3.58 -7.40
C THR C 67 -6.06 -3.37 -8.42
N TYR C 68 -5.56 -2.16 -8.59
CA TYR C 68 -4.37 -1.99 -9.43
C TYR C 68 -3.12 -2.01 -8.55
N PRO C 69 -2.08 -2.71 -9.00
CA PRO C 69 -0.78 -2.61 -8.32
C PRO C 69 -0.21 -1.22 -8.51
N ASN C 70 0.57 -0.78 -7.54
CA ASN C 70 1.12 0.58 -7.50
C ASN C 70 0.02 1.59 -7.85
N PRO C 71 -1.03 1.70 -7.01
CA PRO C 71 -2.19 2.53 -7.41
C PRO C 71 -1.93 4.02 -7.45
N VAL C 72 -0.89 4.52 -6.77
CA VAL C 72 -0.55 5.94 -6.81
C VAL C 72 0.35 6.16 -8.02
N ARG C 73 -0.21 6.73 -9.09
CA ARG C 73 0.50 6.88 -10.36
C ARG C 73 0.88 8.36 -10.55
N SER C 74 2.16 8.65 -10.41
CA SER C 74 2.66 10.02 -10.45
C SER C 74 3.23 10.30 -11.84
N ILE C 75 2.62 11.24 -12.56
CA ILE C 75 3.03 11.63 -13.90
C ILE C 75 3.69 12.99 -13.79
N GLU C 76 5.01 13.05 -14.00
CA GLU C 76 5.79 14.24 -13.70
C GLU C 76 6.27 14.97 -14.95
N ALA C 77 5.69 14.66 -16.11
CA ALA C 77 5.97 15.38 -17.35
C ALA C 77 4.81 15.16 -18.30
N PRO C 78 4.46 16.14 -19.12
CA PRO C 78 3.30 16.01 -20.01
C PRO C 78 3.55 14.97 -21.08
N PRO C 79 2.47 14.38 -21.64
CA PRO C 79 1.07 14.61 -21.29
C PRO C 79 0.70 14.05 -19.92
N PHE C 80 -0.18 14.73 -19.17
CA PHE C 80 -0.54 14.29 -17.83
C PHE C 80 -1.72 13.33 -17.96
N GLU C 81 -1.39 12.08 -18.29
CA GLU C 81 -2.40 11.08 -18.58
C GLU C 81 -1.78 9.71 -18.33
N LEU C 82 -2.65 8.72 -18.19
CA LEU C 82 -2.17 7.36 -18.19
C LEU C 82 -3.26 6.46 -18.75
N THR C 83 -2.82 5.39 -19.39
CA THR C 83 -3.71 4.42 -20.02
C THR C 83 -3.61 3.08 -19.30
N GLU C 84 -4.75 2.45 -19.10
CA GLU C 84 -4.84 1.16 -18.41
C GLU C 84 -5.90 0.31 -19.08
N THR C 85 -5.86 -0.98 -18.78
CA THR C 85 -7.00 -1.84 -19.04
C THR C 85 -7.72 -2.14 -17.73
N GLY C 86 -8.94 -2.65 -17.85
CA GLY C 86 -9.67 -2.95 -16.63
C GLY C 86 -11.02 -3.55 -16.93
N TRP C 87 -11.75 -3.85 -15.86
CA TRP C 87 -13.08 -4.41 -15.96
C TRP C 87 -14.16 -3.55 -15.29
N GLY C 88 -13.81 -2.58 -14.44
CA GLY C 88 -14.80 -1.87 -13.66
C GLY C 88 -14.59 -0.36 -13.64
N GLU C 89 -15.67 0.34 -13.34
CA GLU C 89 -15.68 1.76 -13.05
C GLU C 89 -15.40 2.02 -11.56
N PHE C 90 -14.69 3.11 -11.28
CA PHE C 90 -14.34 3.45 -9.89
C PHE C 90 -13.93 4.92 -9.81
N ASP C 91 -13.95 5.46 -8.58
CA ASP C 91 -13.55 6.85 -8.34
C ASP C 91 -12.03 6.98 -8.38
N ILE C 92 -11.55 8.04 -9.05
CA ILE C 92 -10.13 8.37 -9.11
C ILE C 92 -9.93 9.74 -8.49
N ASN C 93 -9.11 9.80 -7.46
CA ASN C 93 -8.66 11.06 -6.89
C ASN C 93 -7.50 11.58 -7.72
N ILE C 94 -7.67 12.78 -8.27
CA ILE C 94 -6.67 13.43 -9.11
C ILE C 94 -6.02 14.54 -8.28
N LYS C 95 -4.71 14.44 -8.10
CA LYS C 95 -3.96 15.44 -7.35
C LYS C 95 -3.11 16.25 -8.32
N VAL C 96 -3.40 17.54 -8.41
CA VAL C 96 -2.63 18.44 -9.25
C VAL C 96 -1.67 19.23 -8.36
N TYR C 97 -0.38 19.14 -8.68
CA TYR C 97 0.69 19.83 -7.98
C TYR C 97 1.24 20.93 -8.86
N PHE C 98 1.31 22.15 -8.33
CA PHE C 98 1.77 23.26 -9.12
C PHE C 98 3.28 23.44 -8.98
N VAL C 99 3.86 24.23 -9.90
CA VAL C 99 5.28 24.46 -9.84
C VAL C 99 5.64 25.06 -8.47
N GLU C 100 6.92 24.95 -8.12
N GLU C 100 6.91 24.95 -8.11
CA GLU C 100 7.38 25.36 -6.79
CA GLU C 100 7.34 25.36 -6.77
C GLU C 100 7.10 26.84 -6.55
C GLU C 100 7.11 26.85 -6.54
N GLU C 101 7.22 27.66 -7.59
CA GLU C 101 7.04 29.10 -7.43
C GLU C 101 5.64 29.46 -6.96
N ALA C 102 4.65 28.62 -7.27
CA ALA C 102 3.28 28.96 -6.90
C ALA C 102 3.13 29.04 -5.39
N ASN C 103 3.93 28.27 -4.65
CA ASN C 103 3.75 28.16 -3.20
C ASN C 103 2.34 27.70 -2.87
N GLU C 104 1.81 26.76 -3.65
CA GLU C 104 0.41 26.37 -3.58
C GLU C 104 0.28 24.95 -3.04
N LYS C 105 -0.79 24.71 -2.28
CA LYS C 105 -1.14 23.36 -1.84
C LYS C 105 -1.64 22.55 -3.03
N VAL C 106 -1.74 21.24 -2.83
CA VAL C 106 -2.22 20.36 -3.90
C VAL C 106 -3.68 20.72 -4.22
N LEU C 107 -4.07 20.56 -5.49
CA LEU C 107 -5.46 20.69 -5.90
C LEU C 107 -6.05 19.29 -6.07
N ASN C 108 -7.03 18.98 -5.24
CA ASN C 108 -7.65 17.68 -5.12
C ASN C 108 -8.95 17.65 -5.91
N PHE C 109 -9.11 16.69 -6.80
CA PHE C 109 -10.46 16.46 -7.27
C PHE C 109 -10.66 14.99 -7.61
N TYR C 110 -11.85 14.68 -8.08
CA TYR C 110 -12.36 13.33 -8.12
C TYR C 110 -13.06 13.15 -9.44
N HIS C 111 -12.84 12.00 -10.06
CA HIS C 111 -13.47 11.71 -11.33
C HIS C 111 -13.87 10.24 -11.35
N ARG C 112 -15.14 9.98 -11.60
CA ARG C 112 -15.57 8.58 -11.74
C ARG C 112 -15.24 8.13 -13.16
N LEU C 113 -14.44 7.07 -13.26
CA LEU C 113 -14.13 6.47 -14.56
C LEU C 113 -15.41 5.96 -15.21
N ARG C 114 -15.66 6.39 -16.44
CA ARG C 114 -16.82 5.93 -17.19
C ARG C 114 -16.41 4.90 -18.23
N LEU C 115 -17.05 3.73 -18.19
CA LEU C 115 -16.88 2.71 -19.22
C LEU C 115 -18.16 2.37 -19.97
N HIS C 116 -19.34 2.64 -19.41
CA HIS C 116 -20.59 2.16 -19.98
C HIS C 116 -21.06 3.04 -21.14
N PRO C 117 -21.75 2.42 -22.14
CA PRO C 117 -22.14 3.15 -23.36
C PRO C 117 -23.03 4.35 -23.07
N TYR C 118 -23.38 5.09 -24.11
CA TYR C 118 -23.95 6.42 -23.90
C TYR C 118 -25.40 6.38 -23.47
N ALA C 119 -25.64 6.97 -22.29
CA ALA C 119 -26.94 7.25 -21.73
C ALA C 119 -26.74 8.42 -20.78
N GLU C 142 -16.59 4.12 -28.55
CA GLU C 142 -15.84 4.91 -27.57
C GLU C 142 -16.76 5.80 -26.74
N VAL C 143 -16.57 5.78 -25.43
CA VAL C 143 -17.30 6.67 -24.55
C VAL C 143 -16.29 7.58 -23.88
N SER C 144 -16.78 8.71 -23.38
CA SER C 144 -15.93 9.61 -22.62
C SER C 144 -16.76 10.31 -21.56
N SER C 145 -16.06 10.78 -20.55
CA SER C 145 -16.62 11.59 -19.47
C SER C 145 -15.58 12.65 -19.18
N VAL C 146 -15.84 13.86 -19.62
CA VAL C 146 -14.83 14.91 -19.72
C VAL C 146 -15.41 16.19 -19.19
N TYR C 147 -14.66 16.89 -18.34
CA TYR C 147 -15.08 18.16 -17.76
C TYR C 147 -14.11 19.25 -18.18
N PHE C 148 -14.68 20.43 -18.47
CA PHE C 148 -13.96 21.60 -18.99
C PHE C 148 -14.28 22.75 -18.03
N ASP C 149 -13.47 22.87 -16.98
CA ASP C 149 -13.61 23.88 -15.95
C ASP C 149 -12.41 24.84 -16.01
N GLU C 150 -12.11 25.49 -14.89
CA GLU C 150 -10.98 26.38 -14.78
C GLU C 150 -10.44 26.28 -13.36
N ILE C 151 -9.14 26.48 -13.22
CA ILE C 151 -8.50 26.58 -11.91
C ILE C 151 -8.36 28.05 -11.59
N VAL C 152 -8.90 28.49 -10.46
CA VAL C 152 -8.76 29.87 -9.99
C VAL C 152 -7.65 29.91 -8.95
N PHE C 153 -6.64 30.73 -9.22
CA PHE C 153 -5.57 31.02 -8.26
C PHE C 153 -5.91 32.35 -7.61
N ASN C 154 -6.18 32.35 -6.32
CA ASN C 154 -6.41 33.61 -5.61
C ASN C 154 -5.12 34.05 -4.93
N GLU C 155 -4.88 35.36 -4.95
CA GLU C 155 -3.69 36.00 -4.39
C GLU C 155 -2.38 35.34 -4.84
N PRO C 156 -2.16 35.15 -6.14
CA PRO C 156 -0.87 34.61 -6.57
C PRO C 156 0.26 35.58 -6.26
N ASN C 157 1.42 35.03 -5.91
CA ASN C 157 2.57 35.90 -5.68
C ASN C 157 3.14 36.38 -7.01
N GLU C 158 3.95 37.44 -6.95
CA GLU C 158 4.40 38.11 -8.17
C GLU C 158 5.18 37.16 -9.08
N GLU C 159 6.06 36.33 -8.49
N GLU C 159 6.04 36.31 -8.51
CA GLU C 159 6.81 35.36 -9.27
CA GLU C 159 6.79 35.38 -9.33
C GLU C 159 5.89 34.37 -9.98
C GLU C 159 5.89 34.35 -10.00
N PHE C 160 4.87 33.86 -9.28
CA PHE C 160 3.94 32.91 -9.90
C PHE C 160 3.07 33.60 -10.95
N PHE C 161 2.64 34.84 -10.67
CA PHE C 161 1.88 35.60 -11.66
C PHE C 161 2.69 35.82 -12.93
N LYS C 162 3.98 36.09 -12.80
CA LYS C 162 4.84 36.21 -13.97
C LYS C 162 4.80 34.91 -14.78
N ILE C 163 4.93 33.77 -14.09
CA ILE C 163 4.86 32.48 -14.77
C ILE C 163 3.50 32.27 -15.43
N LEU C 164 2.42 32.68 -14.75
CA LEU C 164 1.09 32.48 -15.32
C LEU C 164 0.88 33.31 -16.57
N MET C 165 1.50 34.50 -16.65
CA MET C 165 1.29 35.39 -17.79
C MET C 165 2.16 35.04 -18.99
N SER C 166 3.19 34.22 -18.82
CA SER C 166 4.00 33.81 -19.96
C SER C 166 3.23 32.87 -20.88
N ARG C 167 2.30 32.10 -20.33
CA ARG C 167 1.47 31.10 -21.01
C ARG C 167 2.10 30.50 -22.27
N GLY D 4 46.87 -27.46 24.07
CA GLY D 4 46.01 -28.64 23.96
C GLY D 4 45.52 -28.97 22.56
N SER D 5 45.03 -30.20 22.38
CA SER D 5 44.49 -30.62 21.10
C SER D 5 43.21 -31.43 21.32
N ARG D 6 42.25 -31.24 20.41
CA ARG D 6 41.00 -31.98 20.41
C ARG D 6 40.51 -32.11 18.98
N ILE D 7 39.66 -33.11 18.77
CA ILE D 7 39.01 -33.33 17.48
C ILE D 7 37.63 -32.67 17.51
N LYS D 8 37.33 -31.91 16.48
CA LYS D 8 35.98 -31.40 16.33
C LYS D 8 35.57 -31.51 14.87
N THR D 9 34.31 -31.23 14.61
CA THR D 9 33.84 -31.34 13.23
C THR D 9 34.46 -30.24 12.39
N LEU D 10 34.76 -30.59 11.14
CA LEU D 10 35.41 -29.68 10.22
C LEU D 10 34.39 -28.70 9.66
N SER D 11 34.79 -27.43 9.58
CA SER D 11 33.99 -26.44 8.90
C SER D 11 34.93 -25.55 8.10
N VAL D 12 34.41 -25.03 6.98
CA VAL D 12 35.13 -24.08 6.13
C VAL D 12 34.21 -22.94 5.78
N SER D 13 34.72 -21.72 5.86
CA SER D 13 33.90 -20.54 5.61
C SER D 13 34.39 -19.78 4.39
N ARG D 14 33.45 -19.16 3.69
CA ARG D 14 33.73 -18.40 2.47
C ARG D 14 33.06 -17.04 2.58
N PRO D 15 33.81 -15.95 2.59
CA PRO D 15 33.19 -14.62 2.67
C PRO D 15 32.33 -14.39 1.44
N ILE D 16 31.25 -13.65 1.63
CA ILE D 16 30.27 -13.44 0.57
C ILE D 16 29.67 -12.04 0.73
N ILE D 17 29.51 -11.35 -0.40
CA ILE D 17 28.91 -10.02 -0.45
C ILE D 17 27.65 -10.11 -1.29
N TYR D 18 26.54 -9.59 -0.76
CA TYR D 18 25.27 -9.66 -1.45
C TYR D 18 24.42 -8.46 -1.08
N GLY D 19 23.45 -8.16 -1.94
CA GLY D 19 22.55 -7.06 -1.72
C GLY D 19 22.23 -6.34 -3.01
N ASN D 20 22.00 -5.03 -2.95
CA ASN D 20 21.58 -4.33 -4.16
C ASN D 20 22.13 -2.91 -4.16
N THR D 21 22.37 -2.40 -5.36
CA THR D 21 22.53 -0.98 -5.62
C THR D 21 21.29 -0.49 -6.37
N ALA D 22 21.10 0.82 -6.39
CA ALA D 22 19.94 1.42 -7.03
C ALA D 22 20.20 2.89 -7.30
N LYS D 23 19.51 3.43 -8.30
CA LYS D 23 19.51 4.86 -8.53
C LYS D 23 18.15 5.30 -9.07
N LYS D 24 17.76 6.51 -8.68
CA LYS D 24 16.54 7.10 -9.23
C LYS D 24 16.82 7.54 -10.66
N MET D 25 15.94 7.15 -11.57
CA MET D 25 16.13 7.48 -12.97
C MET D 25 15.82 8.95 -13.23
N GLY D 26 16.46 9.50 -14.25
CA GLY D 26 16.28 10.89 -14.58
C GLY D 26 14.96 11.24 -15.24
N SER D 27 14.93 12.38 -15.92
CA SER D 27 13.72 12.75 -16.66
C SER D 27 13.57 11.88 -17.89
N VAL D 28 14.67 11.58 -18.56
CA VAL D 28 14.67 10.65 -19.69
C VAL D 28 14.95 9.25 -19.16
N LYS D 29 14.07 8.31 -19.45
CA LYS D 29 14.21 6.95 -19.00
C LYS D 29 14.71 6.06 -20.14
N PRO D 30 15.34 4.94 -19.83
CA PRO D 30 15.80 4.04 -20.89
C PRO D 30 14.65 3.62 -21.77
N PRO D 31 14.92 3.36 -23.05
CA PRO D 31 13.85 3.06 -24.01
C PRO D 31 12.99 1.88 -23.60
N ASN D 32 11.66 2.06 -23.71
CA ASN D 32 10.70 1.00 -23.45
C ASN D 32 10.85 0.40 -22.05
N ALA D 33 11.39 1.18 -21.13
CA ALA D 33 11.21 0.82 -19.73
C ALA D 33 9.82 1.29 -19.32
N PRO D 34 9.06 0.45 -18.60
CA PRO D 34 7.68 0.82 -18.27
C PRO D 34 7.59 2.22 -17.66
N ALA D 35 6.56 2.96 -18.09
CA ALA D 35 6.45 4.37 -17.76
C ALA D 35 6.36 4.62 -16.27
N GLU D 36 5.73 3.72 -15.52
CA GLU D 36 5.61 3.88 -14.07
C GLU D 36 6.87 3.49 -13.31
N HIS D 37 7.85 2.87 -13.97
CA HIS D 37 9.10 2.55 -13.30
C HIS D 37 9.90 3.82 -13.06
N THR D 38 10.51 3.91 -11.88
CA THR D 38 11.22 5.10 -11.45
C THR D 38 12.68 4.86 -11.13
N HIS D 39 13.08 3.61 -10.92
CA HIS D 39 14.42 3.29 -10.46
C HIS D 39 15.04 2.20 -11.30
N LEU D 40 16.37 2.21 -11.33
CA LEU D 40 17.21 1.17 -11.90
C LEU D 40 17.94 0.50 -10.76
N TRP D 41 17.97 -0.84 -10.74
CA TRP D 41 18.63 -1.46 -9.61
C TRP D 41 19.30 -2.75 -10.03
N THR D 42 20.19 -3.22 -9.15
CA THR D 42 20.98 -4.42 -9.40
C THR D 42 21.10 -5.21 -8.12
N ILE D 43 20.64 -6.46 -8.15
CA ILE D 43 20.78 -7.40 -7.03
C ILE D 43 21.93 -8.36 -7.37
N PHE D 44 22.72 -8.74 -6.36
CA PHE D 44 23.92 -9.51 -6.66
C PHE D 44 24.36 -10.37 -5.49
N VAL D 45 25.11 -11.41 -5.84
CA VAL D 45 25.94 -12.20 -4.92
C VAL D 45 27.33 -12.27 -5.55
N ARG D 46 28.34 -11.84 -4.80
CA ARG D 46 29.68 -11.75 -5.37
C ARG D 46 30.72 -12.04 -4.29
N GLY D 47 31.98 -12.16 -4.72
CA GLY D 47 33.07 -12.33 -3.80
C GLY D 47 33.71 -10.98 -3.44
N PRO D 48 34.41 -10.95 -2.31
CA PRO D 48 35.17 -9.73 -1.97
C PRO D 48 36.19 -9.43 -3.06
N GLN D 49 36.39 -8.13 -3.33
CA GLN D 49 37.27 -7.67 -4.39
C GLN D 49 36.85 -8.23 -5.75
N ASN D 50 35.59 -8.66 -5.84
CA ASN D 50 35.04 -9.29 -7.03
C ASN D 50 35.85 -10.51 -7.45
N GLU D 51 36.43 -11.22 -6.49
CA GLU D 51 37.04 -12.50 -6.80
C GLU D 51 35.99 -13.50 -7.28
N ASP D 52 36.46 -14.50 -8.03
CA ASP D 52 35.58 -15.54 -8.53
C ASP D 52 34.96 -16.34 -7.40
N ILE D 53 33.64 -16.57 -7.48
CA ILE D 53 32.96 -17.48 -6.57
C ILE D 53 32.32 -18.66 -7.30
N SER D 54 32.40 -18.69 -8.64
CA SER D 54 31.77 -19.77 -9.39
C SER D 54 32.54 -21.08 -9.23
N TYR D 55 33.72 -21.06 -8.61
CA TYR D 55 34.37 -22.32 -8.33
C TYR D 55 33.63 -23.14 -7.27
N PHE D 56 32.80 -22.52 -6.43
CA PHE D 56 31.97 -23.31 -5.53
C PHE D 56 30.48 -23.03 -5.62
N ILE D 57 30.05 -21.96 -6.29
CA ILE D 57 28.64 -21.66 -6.48
C ILE D 57 28.28 -21.93 -7.95
N LYS D 58 27.34 -22.85 -8.17
CA LYS D 58 26.94 -23.21 -9.52
C LYS D 58 26.00 -22.17 -10.15
N LYS D 59 25.00 -21.71 -9.39
CA LYS D 59 24.02 -20.74 -9.91
C LYS D 59 23.39 -20.01 -8.74
N VAL D 60 22.86 -18.82 -9.02
CA VAL D 60 22.09 -18.07 -8.04
C VAL D 60 20.72 -17.77 -8.65
N VAL D 61 19.65 -18.06 -7.90
CA VAL D 61 18.28 -17.80 -8.36
C VAL D 61 17.67 -16.69 -7.51
N PHE D 62 17.25 -15.61 -8.17
CA PHE D 62 16.59 -14.49 -7.51
C PHE D 62 15.09 -14.56 -7.81
N LYS D 63 14.27 -14.67 -6.76
CA LYS D 63 12.81 -14.63 -6.93
C LYS D 63 12.35 -13.19 -6.73
N LEU D 64 11.93 -12.55 -7.81
CA LEU D 64 11.41 -11.20 -7.76
C LEU D 64 9.94 -11.21 -7.32
N HIS D 65 9.44 -10.02 -6.99
CA HIS D 65 8.02 -9.86 -6.67
C HIS D 65 7.18 -10.24 -7.88
N ASP D 66 5.98 -10.77 -7.61
CA ASP D 66 5.10 -11.25 -8.67
C ASP D 66 4.75 -10.22 -9.73
N THR D 67 4.97 -8.92 -9.45
CA THR D 67 4.72 -7.88 -10.46
C THR D 67 5.70 -7.92 -11.62
N TYR D 68 6.80 -8.67 -11.52
CA TYR D 68 7.71 -8.94 -12.63
C TYR D 68 7.29 -10.21 -13.33
N PRO D 69 7.31 -10.20 -14.66
CA PRO D 69 7.10 -11.44 -15.41
C PRO D 69 8.28 -12.38 -15.21
N ASN D 70 7.99 -13.68 -15.26
CA ASN D 70 8.96 -14.74 -14.99
C ASN D 70 9.78 -14.34 -13.77
N PRO D 71 9.17 -14.25 -12.58
CA PRO D 71 9.90 -13.69 -11.42
C PRO D 71 11.02 -14.58 -10.91
N VAL D 72 11.02 -15.87 -11.25
CA VAL D 72 12.11 -16.76 -10.82
C VAL D 72 13.24 -16.58 -11.82
N ARG D 73 14.27 -15.82 -11.44
CA ARG D 73 15.35 -15.44 -12.36
C ARG D 73 16.64 -16.22 -12.02
N SER D 74 16.97 -17.20 -12.86
CA SER D 74 18.08 -18.12 -12.64
C SER D 74 19.34 -17.63 -13.35
N ILE D 75 20.39 -17.32 -12.60
CA ILE D 75 21.66 -16.84 -13.16
C ILE D 75 22.69 -17.96 -13.04
N GLU D 76 23.07 -18.54 -14.17
CA GLU D 76 23.83 -19.78 -14.15
C GLU D 76 25.29 -19.61 -14.55
N ALA D 77 25.78 -18.38 -14.59
CA ALA D 77 27.19 -18.08 -14.86
C ALA D 77 27.50 -16.71 -14.28
N PRO D 78 28.70 -16.50 -13.77
CA PRO D 78 29.03 -15.21 -13.14
C PRO D 78 29.06 -14.11 -14.17
N PRO D 79 28.87 -12.83 -13.76
CA PRO D 79 28.55 -12.39 -12.39
C PRO D 79 27.15 -12.80 -11.96
N PHE D 80 26.96 -13.19 -10.71
CA PHE D 80 25.64 -13.65 -10.25
C PHE D 80 24.84 -12.43 -9.81
N GLU D 81 24.21 -11.78 -10.80
CA GLU D 81 23.53 -10.50 -10.57
C GLU D 81 22.47 -10.36 -11.64
N LEU D 82 21.55 -9.43 -11.42
CA LEU D 82 20.67 -9.01 -12.50
C LEU D 82 20.25 -7.57 -12.27
N THR D 83 20.00 -6.87 -13.37
CA THR D 83 19.59 -5.48 -13.32
C THR D 83 18.16 -5.34 -13.84
N GLU D 84 17.39 -4.52 -13.14
CA GLU D 84 15.99 -4.31 -13.46
C GLU D 84 15.63 -2.85 -13.25
N THR D 85 14.52 -2.45 -13.86
CA THR D 85 13.86 -1.21 -13.48
C THR D 85 12.61 -1.54 -12.67
N GLY D 86 12.09 -0.53 -11.98
CA GLY D 86 10.91 -0.77 -11.18
C GLY D 86 10.49 0.46 -10.42
N TRP D 87 9.41 0.28 -9.65
CA TRP D 87 8.83 1.35 -8.87
C TRP D 87 8.80 1.11 -7.38
N GLY D 88 8.99 -0.11 -6.90
CA GLY D 88 8.78 -0.43 -5.50
C GLY D 88 9.92 -1.23 -4.88
N GLU D 89 9.98 -1.15 -3.57
CA GLU D 89 10.80 -2.02 -2.76
C GLU D 89 10.02 -3.27 -2.38
N PHE D 90 10.72 -4.40 -2.30
CA PHE D 90 10.09 -5.67 -1.96
C PHE D 90 11.19 -6.64 -1.52
N ASP D 91 10.80 -7.71 -0.85
CA ASP D 91 11.75 -8.75 -0.45
C ASP D 91 12.13 -9.64 -1.63
N ILE D 92 13.43 -9.96 -1.72
CA ILE D 92 13.93 -10.89 -2.72
C ILE D 92 14.50 -12.11 -2.00
N ASN D 93 13.95 -13.27 -2.30
CA ASN D 93 14.51 -14.52 -1.83
C ASN D 93 15.63 -14.95 -2.77
N ILE D 94 16.84 -15.08 -2.21
CA ILE D 94 18.04 -15.42 -2.96
C ILE D 94 18.36 -16.88 -2.70
N LYS D 95 18.39 -17.69 -3.74
CA LYS D 95 18.72 -19.10 -3.62
C LYS D 95 20.09 -19.34 -4.25
N VAL D 96 21.06 -19.69 -3.42
CA VAL D 96 22.41 -20.01 -3.85
C VAL D 96 22.55 -21.54 -3.92
N TYR D 97 22.95 -22.04 -5.09
CA TYR D 97 23.15 -23.47 -5.35
C TYR D 97 24.63 -23.72 -5.53
N PHE D 98 25.14 -24.72 -4.81
CA PHE D 98 26.57 -25.01 -4.88
C PHE D 98 26.88 -26.01 -5.98
N VAL D 99 28.16 -26.12 -6.33
CA VAL D 99 28.56 -27.08 -7.35
C VAL D 99 28.15 -28.49 -6.92
N GLU D 100 28.04 -29.38 -7.91
CA GLU D 100 27.55 -30.73 -7.64
C GLU D 100 28.41 -31.45 -6.60
N GLU D 101 29.73 -31.22 -6.63
CA GLU D 101 30.60 -31.92 -5.69
C GLU D 101 30.26 -31.60 -4.24
N ALA D 102 29.69 -30.41 -3.97
CA ALA D 102 29.44 -30.05 -2.58
C ALA D 102 28.46 -31.02 -1.94
N ASN D 103 27.56 -31.59 -2.73
CA ASN D 103 26.48 -32.43 -2.22
C ASN D 103 25.66 -31.66 -1.17
N GLU D 104 25.43 -30.38 -1.43
CA GLU D 104 24.83 -29.48 -0.46
C GLU D 104 23.44 -29.04 -0.92
N LYS D 105 22.53 -28.89 0.04
CA LYS D 105 21.24 -28.30 -0.23
C LYS D 105 21.39 -26.82 -0.56
N VAL D 106 20.29 -26.25 -1.03
CA VAL D 106 20.25 -24.84 -1.37
C VAL D 106 20.53 -23.98 -0.13
N LEU D 107 21.16 -22.82 -0.34
CA LEU D 107 21.30 -21.81 0.71
C LEU D 107 20.25 -20.71 0.48
N ASN D 108 19.32 -20.59 1.42
CA ASN D 108 18.19 -19.67 1.31
C ASN D 108 18.50 -18.40 2.09
N PHE D 109 18.41 -17.26 1.43
CA PHE D 109 18.35 -16.04 2.23
C PHE D 109 17.53 -14.99 1.51
N TYR D 110 17.43 -13.83 2.15
CA TYR D 110 16.45 -12.82 1.82
C TYR D 110 17.11 -11.46 1.89
N HIS D 111 16.75 -10.60 0.94
CA HIS D 111 17.27 -9.26 0.90
C HIS D 111 16.12 -8.34 0.49
N ARG D 112 15.88 -7.30 1.28
CA ARG D 112 14.90 -6.31 0.90
C ARG D 112 15.54 -5.34 -0.08
N LEU D 113 14.96 -5.22 -1.27
CA LEU D 113 15.46 -4.25 -2.23
C LEU D 113 15.37 -2.83 -1.66
N ARG D 114 16.49 -2.11 -1.62
CA ARG D 114 16.49 -0.73 -1.14
C ARG D 114 16.56 0.26 -2.31
N LEU D 115 15.59 1.18 -2.35
CA LEU D 115 15.59 2.28 -3.30
C LEU D 115 15.62 3.67 -2.66
N HIS D 116 15.22 3.80 -1.40
CA HIS D 116 15.03 5.14 -0.83
C HIS D 116 16.37 5.75 -0.40
N PRO D 117 16.47 7.11 -0.44
CA PRO D 117 17.73 7.78 -0.09
C PRO D 117 18.23 7.45 1.31
N TYR D 118 19.38 7.99 1.70
CA TYR D 118 20.11 7.39 2.80
C TYR D 118 19.56 7.69 4.19
N ALA D 119 19.40 6.60 4.95
CA ALA D 119 18.84 6.53 6.29
C ALA D 119 19.83 5.76 7.12
N GLU D 142 22.76 7.58 -6.05
CA GLU D 142 22.85 6.12 -5.93
C GLU D 142 22.83 5.66 -4.47
N VAL D 143 22.03 4.65 -4.19
CA VAL D 143 21.98 4.04 -2.88
C VAL D 143 22.38 2.58 -3.02
N SER D 144 22.73 1.99 -1.88
CA SER D 144 23.04 0.57 -1.83
C SER D 144 22.66 0.02 -0.46
N SER D 145 22.45 -1.29 -0.43
CA SER D 145 22.15 -2.05 0.76
C SER D 145 22.87 -3.37 0.55
N VAL D 146 24.00 -3.53 1.24
CA VAL D 146 24.97 -4.56 0.93
C VAL D 146 25.42 -5.19 2.23
N TYR D 147 25.51 -6.51 2.25
CA TYR D 147 25.97 -7.25 3.41
C TYR D 147 27.23 -8.04 3.05
N PHE D 148 28.16 -8.10 4.00
CA PHE D 148 29.47 -8.72 3.84
C PHE D 148 29.58 -9.75 4.98
N ASP D 149 29.07 -10.95 4.73
CA ASP D 149 29.04 -12.05 5.67
C ASP D 149 29.94 -13.17 5.14
N GLU D 150 29.67 -14.39 5.59
CA GLU D 150 30.44 -15.54 5.16
C GLU D 150 29.51 -16.74 5.14
N ILE D 151 29.80 -17.66 4.23
CA ILE D 151 29.10 -18.92 4.16
C ILE D 151 29.94 -19.93 4.89
N VAL D 152 29.38 -20.58 5.91
CA VAL D 152 30.07 -21.64 6.64
C VAL D 152 29.59 -22.97 6.08
N PHE D 153 30.53 -23.80 5.63
CA PHE D 153 30.21 -25.14 5.18
C PHE D 153 30.48 -26.13 6.31
N ASN D 154 29.43 -26.83 6.72
CA ASN D 154 29.51 -27.83 7.76
C ASN D 154 29.89 -29.18 7.16
N GLU D 155 30.90 -29.85 7.76
CA GLU D 155 31.34 -31.20 7.32
C GLU D 155 31.46 -31.37 5.81
N PRO D 156 32.23 -30.52 5.10
CA PRO D 156 32.37 -30.72 3.66
C PRO D 156 33.07 -32.04 3.34
N ASN D 157 32.68 -32.65 2.24
CA ASN D 157 33.33 -33.89 1.86
C ASN D 157 34.71 -33.60 1.26
N GLU D 158 35.54 -34.64 1.18
CA GLU D 158 36.93 -34.42 0.79
C GLU D 158 37.04 -33.75 -0.57
N GLU D 159 36.24 -34.19 -1.56
CA GLU D 159 36.31 -33.58 -2.88
C GLU D 159 35.89 -32.11 -2.84
N PHE D 160 34.83 -31.78 -2.11
CA PHE D 160 34.42 -30.38 -2.05
C PHE D 160 35.45 -29.55 -1.30
N PHE D 161 36.06 -30.14 -0.26
CA PHE D 161 37.10 -29.45 0.48
C PHE D 161 38.25 -29.09 -0.43
N LYS D 162 38.63 -30.00 -1.33
CA LYS D 162 39.67 -29.70 -2.30
C LYS D 162 39.28 -28.51 -3.18
N ILE D 163 38.05 -28.50 -3.66
CA ILE D 163 37.57 -27.38 -4.48
C ILE D 163 37.62 -26.08 -3.68
N LEU D 164 37.22 -26.14 -2.41
CA LEU D 164 37.19 -24.92 -1.61
C LEU D 164 38.59 -24.37 -1.37
N MET D 165 39.57 -25.25 -1.23
CA MET D 165 40.94 -24.84 -0.95
C MET D 165 41.70 -24.41 -2.19
N SER D 166 41.18 -24.69 -3.38
CA SER D 166 41.87 -24.29 -4.62
C SER D 166 41.87 -22.78 -4.82
N ARG D 167 40.93 -22.07 -4.20
CA ARG D 167 40.91 -20.61 -4.20
C ARG D 167 41.02 -20.00 -5.61
OH ALY E 7 -10.97 -3.02 -13.74
CH ALY E 7 -10.14 -3.11 -12.64
CH3 ALY E 7 -8.75 -3.67 -12.83
NZ ALY E 7 -10.59 -2.72 -11.25
CE ALY E 7 -11.91 -2.03 -11.17
CD ALY E 7 -12.33 -1.82 -9.72
CG ALY E 7 -13.83 -1.53 -9.63
CB ALY E 7 -14.21 -1.21 -8.21
CA ALY E 7 -15.64 -0.71 -8.03
N ALY E 7 -15.92 -0.40 -6.61
C ALY E 7 -16.65 -1.60 -8.65
O ALY E 7 -17.02 -2.52 -8.00
N SER E 8 -17.19 -1.31 -9.82
CA SER E 8 -18.24 -2.11 -10.44
C SER E 8 -18.12 -2.20 -11.96
N ALA E 9 -18.47 -3.36 -12.50
CA ALA E 9 -18.46 -3.55 -13.94
C ALA E 9 -19.51 -2.66 -14.59
N PRO E 10 -19.22 -2.09 -15.75
CA PRO E 10 -20.15 -1.11 -16.34
C PRO E 10 -21.47 -1.73 -16.75
N ALA E 11 -22.48 -0.86 -16.85
CA ALA E 11 -23.78 -1.21 -17.39
C ALA E 11 -23.68 -1.63 -18.86
OH ALY F 7 -10.62 -0.70 7.70
CH ALY F 7 -11.15 -1.25 6.52
CH3 ALY F 7 -12.09 -2.43 6.76
NZ ALY F 7 -10.85 -0.90 5.09
CE ALY F 7 -9.96 0.26 4.91
CD ALY F 7 -9.68 0.49 3.43
CG ALY F 7 -8.32 1.15 3.23
CB ALY F 7 -8.08 1.44 1.75
CA ALY F 7 -7.09 2.59 1.57
N ALY F 7 -6.96 2.90 0.17
C ALY F 7 -5.76 2.20 2.12
O ALY F 7 -5.17 1.19 1.68
N SER F 8 -5.25 2.96 3.08
CA SER F 8 -3.96 2.68 3.69
C SER F 8 -4.00 2.92 5.20
N ALA F 9 -3.33 2.04 5.95
CA ALA F 9 -3.29 2.16 7.39
C ALA F 9 -2.70 3.51 7.78
N PRO F 10 -3.25 4.17 8.79
CA PRO F 10 -2.85 5.54 9.11
C PRO F 10 -1.43 5.62 9.65
N ALA F 11 -0.94 6.87 9.73
CA ALA F 11 0.31 7.20 10.37
C ALA F 11 0.16 7.23 11.90
OH ALY G 7 8.61 -1.98 -9.43
CH ALY G 7 7.95 -3.22 -9.55
CH3 ALY G 7 7.86 -3.79 -10.95
NZ ALY G 7 7.35 -4.04 -8.43
CE ALY G 7 7.49 -3.47 -7.06
CD ALY G 7 6.78 -4.40 -6.08
CG ALY G 7 6.53 -3.69 -4.75
CB ALY G 7 5.90 -4.64 -3.74
CA ALY G 7 6.06 -4.12 -2.32
N ALY G 7 5.39 -5.01 -1.40
C ALY G 7 5.46 -2.74 -2.22
O ALY G 7 4.22 -2.60 -2.31
N SER G 8 6.30 -1.74 -2.06
CA SER G 8 5.82 -0.37 -1.95
C SER G 8 6.85 0.62 -2.49
N ALA G 9 6.37 1.75 -2.99
CA ALA G 9 7.24 2.77 -3.54
C ALA G 9 8.08 3.42 -2.43
N PRO G 10 9.31 3.75 -2.72
CA PRO G 10 10.22 4.22 -1.66
C PRO G 10 9.89 5.61 -1.16
N ALA G 11 10.63 6.07 -0.15
CA ALA G 11 10.42 7.38 0.42
C ALA G 11 11.43 8.39 -0.13
OH ALY H 7 -4.00 -17.10 -1.49
CH ALY H 7 -3.64 -15.74 -1.73
CH3 ALY H 7 -4.49 -14.57 -1.42
NZ ALY H 7 -2.34 -15.25 -2.31
CE ALY H 7 -1.36 -16.34 -2.66
CD ALY H 7 -0.15 -15.60 -3.23
CG ALY H 7 0.77 -16.55 -3.99
CB ALY H 7 2.06 -15.85 -4.38
CA ALY H 7 3.14 -16.86 -4.74
N ALY H 7 4.30 -16.16 -5.27
C ALY H 7 2.61 -17.80 -5.79
O ALY H 7 2.36 -17.38 -6.95
N SER H 8 2.42 -19.07 -5.42
CA SER H 8 1.91 -20.07 -6.35
C SER H 8 1.06 -21.11 -5.62
N ALA H 9 0.19 -21.77 -6.37
CA ALA H 9 -0.68 -22.78 -5.80
C ALA H 9 0.12 -24.03 -5.42
N PRO H 10 -0.22 -24.69 -4.32
CA PRO H 10 0.60 -25.79 -3.83
C PRO H 10 0.59 -26.99 -4.77
N ALA H 11 1.58 -27.86 -4.56
CA ALA H 11 1.66 -29.13 -5.27
C ALA H 11 0.59 -30.10 -4.75
S SO4 I . -8.69 4.97 -1.63
O1 SO4 I . -7.88 5.43 -0.55
O2 SO4 I . -10.04 5.47 -1.56
O3 SO4 I . -8.69 3.52 -1.63
O4 SO4 I . -8.11 5.46 -2.87
S SO4 J . -15.35 2.93 -5.86
O1 SO4 J . -16.18 3.40 -4.77
O2 SO4 J . -14.67 1.72 -5.47
O3 SO4 J . -14.37 3.96 -6.19
O4 SO4 J . -16.21 2.68 -7.02
C1 GOL K . -13.24 22.89 2.27
O1 GOL K . -14.46 22.69 1.60
C2 GOL K . -12.90 24.39 2.37
O2 GOL K . -11.70 24.66 1.68
C3 GOL K . -12.76 24.76 3.83
O3 GOL K . -13.87 24.27 4.53
C1 GOL L . -21.21 14.41 14.69
O1 GOL L . -22.46 14.18 14.09
C2 GOL L . -20.89 13.26 15.65
O2 GOL L . -21.92 12.28 15.58
C3 GOL L . -19.56 12.61 15.31
O3 GOL L . -19.24 11.63 16.27
S SO4 M . 6.89 -7.55 -0.15
O1 SO4 M . 6.31 -7.99 1.10
O2 SO4 M . 5.87 -7.51 -1.20
O3 SO4 M . 7.41 -6.20 0.04
O4 SO4 M . 7.99 -8.47 -0.48
S SO4 N . 6.57 -15.05 -3.18
O1 SO4 N . 6.76 -14.49 -1.83
O2 SO4 N . 6.17 -16.48 -3.07
O3 SO4 N . 5.50 -14.31 -3.89
O4 SO4 N . 7.83 -14.95 -3.94
C1 GOL O . -0.92 -21.83 17.01
O1 GOL O . 0.11 -21.29 17.81
C2 GOL O . -0.33 -23.10 16.41
O2 GOL O . 0.54 -23.65 17.37
C3 GOL O . -1.46 -24.06 16.05
O3 GOL O . -2.30 -23.45 15.08
C1 GOL P . -6.21 10.51 -24.88
O1 GOL P . -7.56 10.13 -25.01
C2 GOL P . -6.04 12.03 -24.89
O2 GOL P . -5.21 12.45 -23.82
C3 GOL P . -7.39 12.74 -24.75
O3 GOL P . -7.14 13.98 -24.10
C1 GOL Q . -20.51 13.97 -18.44
O1 GOL Q . -19.99 12.97 -17.59
C2 GOL Q . -19.39 14.61 -19.26
O2 GOL Q . -19.53 16.00 -19.15
C3 GOL Q . -19.52 14.18 -20.73
O3 GOL Q . -18.27 13.99 -21.36
C1 GOL R . -0.86 32.36 -2.64
O1 GOL R . -1.76 32.99 -1.75
C2 GOL R . 0.48 32.06 -2.00
O2 GOL R . 0.73 30.71 -2.29
C3 GOL R . 1.54 32.91 -2.66
O3 GOL R . 2.80 32.70 -2.05
C1 GOL S . -14.67 -8.95 -13.21
O1 GOL S . -15.97 -8.75 -12.72
C2 GOL S . -13.94 -9.75 -12.15
O2 GOL S . -12.61 -10.01 -12.58
C3 GOL S . -13.95 -8.97 -10.85
O3 GOL S . -15.06 -9.35 -10.07
C1 GOL T . 11.03 -6.72 -16.91
O1 GOL T . 11.13 -7.89 -16.11
C2 GOL T . 10.55 -5.55 -16.05
O2 GOL T . 9.14 -5.62 -15.90
C3 GOL T . 11.02 -4.21 -16.63
O3 GOL T . 12.28 -4.34 -17.26
C1 GOL U . 23.87 -8.94 8.22
O1 GOL U . 23.71 -10.31 7.92
C2 GOL U . 24.86 -8.73 9.37
O2 GOL U . 24.16 -8.21 10.49
C3 GOL U . 25.92 -7.73 8.95
O3 GOL U . 26.03 -7.74 7.53
C1 GOL V . 10.01 -18.44 -21.95
O1 GOL V . 9.99 -17.02 -22.08
C2 GOL V . 10.75 -18.79 -20.66
O2 GOL V . 11.92 -19.50 -20.98
C3 GOL V . 11.12 -17.49 -19.95
O3 GOL V . 11.72 -17.79 -18.72
#